data_6QDB
#
_entry.id   6QDB
#
_cell.length_a   47.860
_cell.length_b   90.870
_cell.length_c   53.200
_cell.angle_alpha   90.00
_cell.angle_beta   111.92
_cell.angle_gamma   90.00
#
_symmetry.space_group_name_H-M   'P 1 21 1'
#
loop_
_entity.id
_entity.type
_entity.pdbx_description
1 polymer 'Glycylpeptide N-tetradecanoyltransferase'
2 non-polymer TETRADECANOYL-COA
3 non-polymer 3-[methyl-[2-[methyl(piperidin-4-yl)amino]thieno[3,2-d]pyrimidin-4-yl]amino]propanenitrile
4 non-polymer 'MAGNESIUM ION'
5 water water
#
_entity_poly.entity_id   1
_entity_poly.type   'polypeptide(L)'
_entity_poly.pdbx_seq_one_letter_code
;MSRNPSNSDAAHAFWSTQPVPQTEDETEKIVFAGPMDEPKTVADIPEEPYPIASTFEWWTPNMEAADDIHAIYELLRDNY
VEDDDSMFRFNYSEEFLQWALCPPNYIPDWHVAVRRKADKKLLAFIAGVPVTLRMGTPKYMKVKAQEKGEGEEAAKYDEP
RHICEINFLCVHKQLREKRLAPILIKEATRRVNRTNVWQAVYTAGVLLPTPYASGQYFHRSLNPEKLVEIRFSGIPAQYQ
KFQNPMAMLKRNYQLPSAPKNSGLREMKPSDVPQVRRILMNYLDSFDVGPVFSDAEISHYLLPRDGVVFTYVVENDKKVT
DFFSFYRIPSTVIGNSNYNLLNAAYVHYYAATSIPLHQLILDLLIVAHSRGFDVCNMVEILDNRSFVEQLKFGAGDGHLR
YYFYNWAYPKIKPSQVALVML
;
_entity_poly.pdbx_strand_id   A
#
loop_
_chem_comp.id
_chem_comp.type
_chem_comp.name
_chem_comp.formula
HWQ non-polymer 3-[methyl-[2-[methyl(piperidin-4-yl)amino]thieno[3,2-d]pyrimidin-4-yl]amino]propanenitrile 'C16 H22 N6 S'
MG non-polymer 'MAGNESIUM ION' 'Mg 2'
MYA non-polymer TETRADECANOYL-COA 'C35 H62 N7 O17 P3 S'
#
# COMPACT_ATOMS: atom_id res chain seq x y z
N ALA A 11 7.08 -7.28 -26.81
CA ALA A 11 5.86 -7.00 -25.99
C ALA A 11 6.12 -5.91 -24.94
N HIS A 12 7.29 -5.90 -24.28
CA HIS A 12 7.60 -4.85 -23.30
C HIS A 12 8.96 -4.21 -23.62
N ALA A 13 8.96 -3.15 -24.46
CA ALA A 13 10.21 -2.51 -24.90
C ALA A 13 11.04 -1.99 -23.73
N PHE A 14 10.40 -1.64 -22.61
CA PHE A 14 11.17 -1.16 -21.46
C PHE A 14 11.44 -2.33 -20.51
N TRP A 15 10.36 -3.03 -20.05
CA TRP A 15 10.52 -4.03 -19.00
C TRP A 15 11.40 -5.23 -19.38
N SER A 16 11.51 -5.49 -20.70
CA SER A 16 12.40 -6.54 -21.19
C SER A 16 13.87 -6.15 -21.02
N THR A 17 14.19 -4.90 -20.72
CA THR A 17 15.60 -4.48 -20.58
C THR A 17 16.00 -4.44 -19.09
N GLN A 18 15.06 -4.78 -18.17
CA GLN A 18 15.28 -4.52 -16.73
C GLN A 18 15.49 -5.83 -15.97
N PRO A 19 16.14 -5.79 -14.78
CA PRO A 19 16.41 -7.00 -13.99
C PRO A 19 15.21 -7.45 -13.16
N VAL A 20 14.20 -7.93 -13.89
CA VAL A 20 12.98 -8.50 -13.30
C VAL A 20 12.68 -9.84 -13.98
N PRO A 21 11.96 -10.77 -13.34
CA PRO A 21 11.60 -12.02 -14.03
CA PRO A 21 11.59 -12.02 -14.01
C PRO A 21 10.71 -11.70 -15.23
N GLN A 22 10.96 -12.36 -16.38
CA GLN A 22 10.29 -11.95 -17.60
C GLN A 22 8.98 -12.69 -17.84
N THR A 23 8.84 -13.88 -17.24
CA THR A 23 7.60 -14.63 -17.44
C THR A 23 7.16 -15.33 -16.17
N GLU A 24 5.89 -15.78 -16.18
CA GLU A 24 5.37 -16.62 -15.13
C GLU A 24 6.22 -17.88 -15.03
N ASP A 25 6.56 -18.44 -16.19
CA ASP A 25 7.30 -19.69 -16.29
C ASP A 25 8.66 -19.53 -15.62
N GLU A 26 9.40 -18.49 -16.01
CA GLU A 26 10.63 -18.15 -15.31
C GLU A 26 10.39 -18.11 -13.79
N THR A 27 9.32 -17.43 -13.38
CA THR A 27 9.00 -17.26 -11.97
C THR A 27 8.76 -18.61 -11.28
N GLU A 28 8.38 -19.61 -12.11
CA GLU A 28 8.02 -20.95 -11.65
C GLU A 28 9.28 -21.81 -11.46
N LYS A 29 10.41 -21.36 -12.00
CA LYS A 29 11.70 -22.01 -11.82
C LYS A 29 12.43 -21.48 -10.59
N ILE A 30 11.93 -20.39 -9.97
CA ILE A 30 12.69 -19.73 -8.91
C ILE A 30 12.49 -20.45 -7.59
N VAL A 31 13.65 -20.70 -6.96
CA VAL A 31 13.68 -21.63 -5.89
C VAL A 31 14.38 -20.92 -4.70
N PHE A 32 15.20 -19.85 -4.92
CA PHE A 32 15.84 -19.14 -3.81
C PHE A 32 15.82 -17.62 -4.00
N ALA A 33 15.66 -16.88 -2.90
CA ALA A 33 15.75 -15.42 -3.01
C ALA A 33 17.18 -15.02 -3.38
N GLY A 34 17.34 -13.95 -4.15
CA GLY A 34 18.64 -13.39 -4.39
C GLY A 34 18.62 -12.37 -5.54
N PRO A 35 19.73 -11.65 -5.80
CA PRO A 35 19.78 -10.65 -6.87
C PRO A 35 19.71 -11.22 -8.28
N MET A 36 19.23 -10.42 -9.20
CA MET A 36 19.19 -10.76 -10.62
CA MET A 36 19.25 -10.82 -10.59
C MET A 36 20.47 -10.27 -11.32
N ASP A 37 20.84 -8.99 -11.14
CA ASP A 37 21.94 -8.39 -11.91
C ASP A 37 23.28 -8.76 -11.27
N GLU A 38 24.34 -8.61 -12.08
CA GLU A 38 25.70 -8.70 -11.56
C GLU A 38 25.98 -7.67 -10.45
N PRO A 39 26.94 -7.97 -9.53
CA PRO A 39 27.34 -7.00 -8.50
C PRO A 39 27.90 -5.74 -9.14
N LYS A 40 27.44 -4.60 -8.63
CA LYS A 40 28.02 -3.33 -9.07
C LYS A 40 28.33 -2.51 -7.83
N THR A 41 29.14 -1.44 -7.99
CA THR A 41 29.43 -0.51 -6.90
C THR A 41 28.81 0.86 -7.19
N VAL A 42 28.71 1.77 -6.21
CA VAL A 42 28.30 3.16 -6.41
C VAL A 42 29.20 3.80 -7.47
N ALA A 43 30.51 3.48 -7.45
CA ALA A 43 31.46 4.10 -8.39
C ALA A 43 31.13 3.73 -9.84
N ASP A 44 30.45 2.58 -10.06
CA ASP A 44 30.09 2.22 -11.42
C ASP A 44 28.86 2.97 -11.93
N ILE A 45 28.14 3.69 -11.09
CA ILE A 45 26.86 4.28 -11.47
C ILE A 45 27.14 5.70 -11.90
N PRO A 46 26.56 6.07 -13.09
CA PRO A 46 26.70 7.43 -13.58
C PRO A 46 26.42 8.49 -12.52
N GLU A 47 27.34 9.38 -12.41
CA GLU A 47 27.23 10.54 -11.57
C GLU A 47 26.33 11.66 -12.10
N GLU A 48 26.14 11.80 -13.46
CA GLU A 48 25.31 12.78 -14.13
CA GLU A 48 25.33 12.77 -14.19
C GLU A 48 23.90 12.21 -14.22
N PRO A 49 22.86 13.07 -14.12
CA PRO A 49 21.47 12.63 -14.31
C PRO A 49 21.22 11.93 -15.64
N TYR A 50 20.24 11.04 -15.69
CA TYR A 50 19.90 10.41 -16.96
C TYR A 50 19.53 11.50 -17.97
N PRO A 51 19.90 11.36 -19.26
CA PRO A 51 19.51 12.34 -20.26
C PRO A 51 18.01 12.53 -20.39
N ILE A 52 17.61 13.77 -20.68
CA ILE A 52 16.21 14.09 -20.87
C ILE A 52 16.18 15.21 -21.93
N ALA A 53 15.05 15.28 -22.65
CA ALA A 53 14.95 16.24 -23.74
C ALA A 53 15.13 17.67 -23.25
N SER A 54 15.68 18.51 -24.16
CA SER A 54 16.15 19.85 -23.82
C SER A 54 15.05 20.78 -23.28
N THR A 55 13.77 20.47 -23.60
CA THR A 55 12.66 21.28 -23.11
C THR A 55 12.20 20.90 -21.70
N PHE A 56 12.79 19.86 -21.11
CA PHE A 56 12.45 19.37 -19.77
C PHE A 56 13.63 19.50 -18.82
N GLU A 57 13.34 19.37 -17.51
CA GLU A 57 14.40 19.38 -16.52
C GLU A 57 13.98 18.47 -15.34
N TRP A 58 14.96 17.88 -14.70
CA TRP A 58 14.73 17.16 -13.45
C TRP A 58 14.59 18.18 -12.34
N TRP A 59 13.69 17.89 -11.37
CA TRP A 59 13.44 18.71 -10.19
C TRP A 59 13.27 17.82 -8.96
N THR A 60 13.97 18.12 -7.86
CA THR A 60 13.80 17.37 -6.63
C THR A 60 12.92 18.19 -5.70
N PRO A 61 11.62 17.93 -5.54
CA PRO A 61 10.79 18.69 -4.59
C PRO A 61 11.24 18.43 -3.16
N ASN A 62 11.06 19.45 -2.32
CA ASN A 62 11.20 19.25 -0.89
C ASN A 62 9.85 18.86 -0.28
N MET A 63 9.62 17.55 0.00
CA MET A 63 8.31 17.06 0.46
C MET A 63 8.02 17.27 1.95
N GLU A 64 8.86 18.06 2.62
CA GLU A 64 8.47 18.68 3.89
C GLU A 64 8.02 20.14 3.75
N ALA A 65 8.17 20.77 2.56
CA ALA A 65 7.86 22.20 2.37
C ALA A 65 6.45 22.28 1.80
N ALA A 66 5.55 22.96 2.49
CA ALA A 66 4.15 23.08 2.12
C ALA A 66 3.95 23.32 0.62
N ASP A 67 4.67 24.28 0.04
CA ASP A 67 4.37 24.62 -1.35
C ASP A 67 4.80 23.52 -2.34
N ASP A 68 5.93 22.87 -2.11
CA ASP A 68 6.31 21.78 -2.99
C ASP A 68 5.37 20.60 -2.83
N ILE A 69 4.96 20.30 -1.60
CA ILE A 69 3.95 19.24 -1.40
C ILE A 69 2.68 19.62 -2.17
N HIS A 70 2.27 20.88 -2.11
CA HIS A 70 1.07 21.29 -2.83
C HIS A 70 1.18 21.08 -4.34
N ALA A 71 2.35 21.41 -4.92
CA ALA A 71 2.58 21.22 -6.33
C ALA A 71 2.47 19.75 -6.73
N ILE A 72 3.05 18.83 -5.96
CA ILE A 72 2.90 17.41 -6.23
C ILE A 72 1.45 16.97 -6.00
N TYR A 73 0.81 17.44 -4.92
CA TYR A 73 -0.59 17.11 -4.67
C TYR A 73 -1.48 17.47 -5.87
N GLU A 74 -1.27 18.63 -6.54
CA GLU A 74 -2.12 18.99 -7.66
C GLU A 74 -1.88 18.07 -8.88
N LEU A 75 -0.62 17.71 -9.17
CA LEU A 75 -0.35 16.76 -10.23
C LEU A 75 -1.12 15.46 -9.98
N LEU A 76 -1.03 14.91 -8.75
CA LEU A 76 -1.69 13.63 -8.49
C LEU A 76 -3.20 13.75 -8.50
N ARG A 77 -3.72 14.86 -7.94
CA ARG A 77 -5.17 15.04 -7.91
C ARG A 77 -5.73 14.96 -9.34
N ASP A 78 -5.02 15.55 -10.31
CA ASP A 78 -5.58 15.70 -11.65
C ASP A 78 -5.15 14.58 -12.57
N ASN A 79 -4.13 13.78 -12.18
CA ASN A 79 -3.52 12.84 -13.15
C ASN A 79 -3.17 11.46 -12.59
N TYR A 80 -3.48 11.19 -11.32
CA TYR A 80 -3.14 9.87 -10.75
C TYR A 80 -4.22 8.84 -11.05
N VAL A 81 -4.15 7.68 -10.40
CA VAL A 81 -4.93 6.53 -10.89
C VAL A 81 -6.46 6.80 -10.85
N GLU A 82 -7.11 6.42 -11.96
CA GLU A 82 -8.56 6.49 -12.07
C GLU A 82 -9.07 5.15 -12.56
N ASP A 83 -10.36 4.87 -12.30
CA ASP A 83 -10.91 3.64 -12.85
C ASP A 83 -11.07 3.78 -14.39
N ASP A 84 -11.37 2.63 -15.04
CA ASP A 84 -11.50 2.62 -16.51
C ASP A 84 -12.71 3.41 -17.05
N ASP A 85 -13.74 3.59 -16.18
CA ASP A 85 -14.92 4.34 -16.60
C ASP A 85 -14.79 5.81 -16.23
N SER A 86 -13.61 6.18 -15.68
CA SER A 86 -13.34 7.56 -15.29
C SER A 86 -14.47 8.13 -14.40
N MET A 87 -14.83 7.40 -13.32
CA MET A 87 -15.78 7.79 -12.27
CA MET A 87 -15.78 7.78 -12.27
C MET A 87 -15.08 8.32 -11.02
N PHE A 88 -13.89 7.75 -10.71
CA PHE A 88 -13.20 8.06 -9.45
C PHE A 88 -11.72 8.21 -9.77
N ARG A 89 -11.08 9.23 -9.14
CA ARG A 89 -9.62 9.39 -9.27
C ARG A 89 -9.08 9.64 -7.86
N PHE A 90 -7.99 8.97 -7.49
CA PHE A 90 -7.47 9.23 -6.14
C PHE A 90 -7.12 10.69 -5.90
N ASN A 91 -7.38 11.13 -4.64
CA ASN A 91 -7.12 12.50 -4.20
C ASN A 91 -6.35 12.43 -2.85
N TYR A 92 -5.18 11.80 -2.86
CA TYR A 92 -4.34 11.76 -1.67
C TYR A 92 -4.11 13.18 -1.14
N SER A 93 -4.24 13.39 0.17
CA SER A 93 -4.13 14.73 0.70
C SER A 93 -2.68 15.16 0.87
N GLU A 94 -2.51 16.50 0.95
CA GLU A 94 -1.17 17.02 1.18
C GLU A 94 -0.53 16.45 2.47
N GLU A 95 -1.33 16.35 3.54
CA GLU A 95 -0.81 15.78 4.80
C GLU A 95 -0.42 14.30 4.64
N PHE A 96 -1.23 13.58 3.83
CA PHE A 96 -0.89 12.18 3.61
C PHE A 96 0.42 12.05 2.85
N LEU A 97 0.62 12.92 1.83
CA LEU A 97 1.83 12.81 1.03
C LEU A 97 3.09 13.11 1.87
N GLN A 98 3.00 14.12 2.79
CA GLN A 98 4.19 14.36 3.63
C GLN A 98 4.46 13.16 4.52
N TRP A 99 3.40 12.56 5.11
CA TRP A 99 3.54 11.38 5.94
C TRP A 99 4.14 10.19 5.18
N ALA A 100 3.61 9.89 3.97
CA ALA A 100 4.05 8.75 3.21
C ALA A 100 5.49 8.92 2.68
N LEU A 101 5.88 10.15 2.39
CA LEU A 101 7.17 10.19 1.67
CA LEU A 101 7.09 10.48 1.61
C LEU A 101 8.30 10.72 2.54
N CYS A 102 8.02 11.04 3.82
CA CYS A 102 9.14 11.54 4.67
C CYS A 102 9.19 10.73 5.96
N PRO A 103 9.26 9.38 5.92
CA PRO A 103 9.46 8.59 7.15
C PRO A 103 10.87 8.77 7.67
N PRO A 104 11.20 8.17 8.82
CA PRO A 104 12.53 8.32 9.40
C PRO A 104 13.60 7.89 8.41
N ASN A 105 14.64 8.74 8.32
CA ASN A 105 15.80 8.48 7.48
C ASN A 105 15.49 8.49 6.00
N TYR A 106 14.41 9.17 5.60
CA TYR A 106 14.13 9.22 4.19
C TYR A 106 15.24 9.98 3.46
N ILE A 107 15.37 9.71 2.16
CA ILE A 107 16.39 10.32 1.30
C ILE A 107 15.72 11.32 0.38
N PRO A 108 15.89 12.64 0.56
CA PRO A 108 15.22 13.60 -0.33
C PRO A 108 15.45 13.40 -1.84
N ASP A 109 16.64 12.94 -2.20
CA ASP A 109 17.00 12.74 -3.60
CA ASP A 109 16.96 12.78 -3.61
C ASP A 109 16.14 11.66 -4.25
N TRP A 110 15.52 10.73 -3.45
CA TRP A 110 14.65 9.71 -4.07
C TRP A 110 13.27 10.25 -4.47
N HIS A 111 12.98 11.53 -4.28
CA HIS A 111 11.73 12.13 -4.73
C HIS A 111 12.04 12.87 -6.03
N VAL A 112 11.52 12.35 -7.16
CA VAL A 112 12.02 12.73 -8.49
C VAL A 112 10.87 13.30 -9.31
N ALA A 113 11.01 14.52 -9.86
CA ALA A 113 10.01 15.11 -10.71
C ALA A 113 10.63 15.58 -12.02
N VAL A 114 9.74 15.79 -13.00
CA VAL A 114 10.09 16.43 -14.27
C VAL A 114 9.21 17.65 -14.39
N ARG A 115 9.86 18.77 -14.76
CA ARG A 115 9.15 20.00 -15.11
C ARG A 115 9.52 20.48 -16.52
N ARG A 116 8.59 21.24 -17.15
CA ARG A 116 8.87 21.86 -18.43
C ARG A 116 9.73 23.08 -18.14
N LYS A 117 10.89 23.19 -18.77
CA LYS A 117 11.91 24.15 -18.38
C LYS A 117 11.46 25.61 -18.57
N ALA A 118 10.67 25.91 -19.62
CA ALA A 118 10.38 27.30 -19.97
C ALA A 118 9.63 27.99 -18.83
N ASP A 119 8.64 27.29 -18.29
CA ASP A 119 7.65 27.94 -17.45
C ASP A 119 7.39 27.07 -16.23
N LYS A 120 8.20 26.02 -16.08
CA LYS A 120 8.20 25.20 -14.87
C LYS A 120 6.92 24.40 -14.69
N LYS A 121 6.09 24.12 -15.72
CA LYS A 121 4.90 23.29 -15.54
C LYS A 121 5.31 21.87 -15.09
N LEU A 122 4.66 21.39 -14.03
CA LEU A 122 4.98 20.09 -13.49
C LEU A 122 4.38 18.98 -14.36
N LEU A 123 5.22 18.02 -14.79
CA LEU A 123 4.83 17.04 -15.79
C LEU A 123 4.80 15.59 -15.28
N ALA A 124 5.61 15.23 -14.27
CA ALA A 124 5.75 13.82 -13.86
C ALA A 124 6.38 13.76 -12.48
N PHE A 125 6.16 12.62 -11.81
CA PHE A 125 6.71 12.36 -10.50
C PHE A 125 6.89 10.86 -10.30
N ILE A 126 7.85 10.50 -9.43
CA ILE A 126 7.95 9.15 -8.86
C ILE A 126 8.65 9.33 -7.52
N ALA A 127 8.38 8.45 -6.57
CA ALA A 127 8.99 8.62 -5.25
C ALA A 127 9.45 7.30 -4.67
N GLY A 128 10.64 7.29 -4.07
CA GLY A 128 11.15 6.17 -3.27
C GLY A 128 11.32 6.54 -1.82
N VAL A 129 11.03 5.57 -0.92
CA VAL A 129 11.29 5.73 0.49
C VAL A 129 12.05 4.51 0.99
N PRO A 130 12.84 4.60 2.07
CA PRO A 130 13.49 3.41 2.63
C PRO A 130 12.49 2.47 3.30
N VAL A 131 12.78 1.16 3.23
CA VAL A 131 12.05 0.17 4.02
C VAL A 131 13.07 -0.91 4.36
N THR A 132 12.92 -1.51 5.54
CA THR A 132 13.72 -2.63 6.00
C THR A 132 12.83 -3.86 5.84
N LEU A 133 13.20 -4.73 4.89
CA LEU A 133 12.27 -5.79 4.48
C LEU A 133 12.89 -7.18 4.67
N ARG A 134 12.08 -8.08 5.24
CA ARG A 134 12.42 -9.52 5.24
C ARG A 134 11.98 -10.02 3.86
N MET A 135 12.93 -10.50 3.07
CA MET A 135 12.70 -10.93 1.71
C MET A 135 13.59 -12.13 1.33
N GLY A 136 13.93 -12.91 2.37
CA GLY A 136 14.64 -14.18 2.12
C GLY A 136 13.68 -15.26 1.67
N THR A 137 14.28 -16.40 1.31
CA THR A 137 13.54 -17.49 0.75
C THR A 137 12.33 -17.85 1.63
N PRO A 138 11.13 -18.02 1.04
CA PRO A 138 9.94 -18.30 1.86
C PRO A 138 9.88 -19.69 2.49
N LYS A 139 8.97 -19.88 3.42
CA LYS A 139 8.97 -21.10 4.21
C LYS A 139 8.83 -22.37 3.34
N TYR A 140 7.89 -22.40 2.39
CA TYR A 140 7.65 -23.63 1.62
C TYR A 140 8.86 -23.94 0.77
N MET A 141 9.63 -22.95 0.33
CA MET A 141 10.80 -23.21 -0.48
CA MET A 141 10.82 -23.14 -0.48
C MET A 141 12.02 -23.53 0.39
N LYS A 142 12.09 -23.10 1.66
CA LYS A 142 13.15 -23.57 2.54
C LYS A 142 12.93 -25.05 2.85
N VAL A 143 11.69 -25.56 2.92
CA VAL A 143 11.42 -26.98 3.11
C VAL A 143 11.95 -27.73 1.89
N LYS A 144 11.68 -27.24 0.70
CA LYS A 144 12.24 -27.90 -0.50
C LYS A 144 13.75 -27.95 -0.40
N ALA A 145 14.39 -26.85 0.00
CA ALA A 145 15.85 -26.77 0.11
C ALA A 145 16.39 -27.81 1.11
N GLN A 146 15.78 -27.99 2.26
CA GLN A 146 16.15 -29.02 3.22
C GLN A 146 16.07 -30.39 2.54
N GLU A 147 15.02 -30.64 1.73
CA GLU A 147 14.80 -31.96 1.13
C GLU A 147 15.90 -32.24 0.09
N LYS A 148 16.57 -31.21 -0.39
CA LYS A 148 17.55 -31.36 -1.46
C LYS A 148 18.97 -31.22 -0.97
N GLY A 149 19.18 -30.92 0.34
CA GLY A 149 20.53 -30.61 0.80
C GLY A 149 21.06 -29.24 0.38
N GLU A 150 20.15 -28.26 0.15
CA GLU A 150 20.46 -26.92 -0.37
C GLU A 150 20.14 -25.81 0.64
N GLY A 151 20.22 -26.07 1.95
CA GLY A 151 19.82 -25.05 2.94
C GLY A 151 20.69 -23.82 2.96
N GLU A 152 22.00 -23.96 2.67
CA GLU A 152 22.89 -22.80 2.79
CA GLU A 152 22.94 -22.87 2.70
C GLU A 152 22.53 -21.79 1.68
N GLU A 153 22.30 -22.26 0.46
CA GLU A 153 21.95 -21.34 -0.61
C GLU A 153 20.60 -20.70 -0.30
N ALA A 154 19.65 -21.48 0.22
CA ALA A 154 18.33 -20.92 0.55
C ALA A 154 18.35 -19.88 1.67
N ALA A 155 19.35 -19.91 2.56
CA ALA A 155 19.38 -19.02 3.70
C ALA A 155 20.24 -17.79 3.47
N LYS A 156 20.89 -17.70 2.28
CA LYS A 156 21.94 -16.71 2.04
C LYS A 156 21.46 -15.29 2.32
N TYR A 157 20.18 -15.00 1.96
CA TYR A 157 19.64 -13.64 2.07
C TYR A 157 18.52 -13.50 3.10
N ASP A 158 18.62 -14.29 4.18
CA ASP A 158 17.62 -14.25 5.24
C ASP A 158 17.64 -12.94 6.02
N GLU A 159 18.79 -12.26 6.10
CA GLU A 159 18.87 -11.05 6.92
C GLU A 159 17.92 -10.00 6.33
N PRO A 160 17.18 -9.26 7.17
CA PRO A 160 16.36 -8.13 6.65
C PRO A 160 17.24 -7.15 5.88
N ARG A 161 16.72 -6.63 4.77
CA ARG A 161 17.49 -5.81 3.83
C ARG A 161 16.97 -4.38 3.83
N HIS A 162 17.84 -3.38 3.80
CA HIS A 162 17.49 -1.98 3.62
C HIS A 162 17.35 -1.64 2.15
N ILE A 163 16.09 -1.56 1.67
CA ILE A 163 15.80 -1.38 0.25
C ILE A 163 14.96 -0.12 0.00
N CYS A 164 14.45 0.04 -1.22
CA CYS A 164 13.61 1.16 -1.64
C CYS A 164 12.18 0.69 -1.92
N GLU A 165 11.17 1.39 -1.39
N GLU A 165 11.18 1.40 -1.38
CA GLU A 165 9.77 1.19 -1.75
CA GLU A 165 9.79 1.20 -1.78
C GLU A 165 9.39 2.32 -2.72
C GLU A 165 9.39 2.33 -2.73
N ILE A 166 8.95 1.98 -3.94
CA ILE A 166 8.55 2.97 -4.95
C ILE A 166 7.03 3.14 -4.99
N ASN A 167 6.56 4.39 -5.12
CA ASN A 167 5.12 4.69 -5.19
C ASN A 167 4.93 6.03 -5.92
N PHE A 168 3.66 6.34 -6.26
CA PHE A 168 3.25 7.63 -6.80
C PHE A 168 3.84 7.93 -8.16
N LEU A 169 4.15 6.88 -8.97
CA LEU A 169 4.51 7.16 -10.36
C LEU A 169 3.34 7.82 -11.09
N CYS A 170 3.62 8.95 -11.76
CA CYS A 170 2.55 9.67 -12.43
C CYS A 170 3.10 10.51 -13.57
N VAL A 171 2.47 10.39 -14.74
CA VAL A 171 2.78 11.29 -15.88
C VAL A 171 1.52 12.09 -16.17
N HIS A 172 1.66 13.38 -16.48
CA HIS A 172 0.53 14.26 -16.79
C HIS A 172 -0.24 13.66 -17.96
N LYS A 173 -1.58 13.78 -17.94
CA LYS A 173 -2.36 13.21 -19.04
C LYS A 173 -1.96 13.74 -20.43
N GLN A 174 -1.49 15.00 -20.55
CA GLN A 174 -1.12 15.47 -21.89
C GLN A 174 0.17 14.83 -22.41
N LEU A 175 0.96 14.17 -21.53
CA LEU A 175 2.26 13.58 -21.91
CA LEU A 175 2.25 13.59 -21.90
C LEU A 175 2.21 12.05 -21.94
N ARG A 176 1.02 11.46 -21.93
CA ARG A 176 0.87 10.01 -21.92
C ARG A 176 1.40 9.37 -23.20
N GLU A 177 1.92 8.14 -23.08
CA GLU A 177 2.31 7.29 -24.20
C GLU A 177 3.45 7.91 -25.01
N LYS A 178 4.34 8.65 -24.35
CA LYS A 178 5.50 9.24 -25.02
C LYS A 178 6.80 8.67 -24.45
N ARG A 179 6.73 7.57 -23.68
CA ARG A 179 7.90 6.91 -23.13
C ARG A 179 8.61 7.77 -22.08
N LEU A 180 7.86 8.61 -21.36
CA LEU A 180 8.43 9.36 -20.24
C LEU A 180 8.52 8.48 -18.97
N ALA A 181 7.60 7.53 -18.74
CA ALA A 181 7.68 6.75 -17.51
C ALA A 181 8.98 5.95 -17.44
N PRO A 182 9.47 5.29 -18.52
CA PRO A 182 10.77 4.61 -18.47
C PRO A 182 11.93 5.53 -18.06
N ILE A 183 11.95 6.78 -18.54
CA ILE A 183 13.01 7.70 -18.16
C ILE A 183 12.93 8.02 -16.65
N LEU A 184 11.72 8.27 -16.13
N LEU A 184 11.73 8.25 -16.11
CA LEU A 184 11.51 8.49 -14.70
CA LEU A 184 11.61 8.48 -14.66
C LEU A 184 12.08 7.31 -13.91
C LEU A 184 12.08 7.26 -13.87
N ILE A 185 11.72 6.08 -14.33
CA ILE A 185 12.14 4.87 -13.62
C ILE A 185 13.66 4.72 -13.65
N LYS A 186 14.29 4.98 -14.83
CA LYS A 186 15.77 4.88 -14.89
C LYS A 186 16.46 5.90 -14.00
N GLU A 187 15.95 7.14 -13.96
CA GLU A 187 16.55 8.16 -13.10
C GLU A 187 16.37 7.79 -11.62
N ALA A 188 15.18 7.35 -11.23
CA ALA A 188 15.00 6.92 -9.84
C ALA A 188 15.95 5.77 -9.53
N THR A 189 16.12 4.77 -10.44
CA THR A 189 17.03 3.66 -10.21
C THR A 189 18.48 4.17 -10.01
N ARG A 190 18.90 5.13 -10.82
CA ARG A 190 20.25 5.70 -10.67
C ARG A 190 20.41 6.37 -9.29
N ARG A 191 19.46 7.19 -8.88
CA ARG A 191 19.59 7.84 -7.58
C ARG A 191 19.58 6.87 -6.41
N VAL A 192 18.85 5.77 -6.51
CA VAL A 192 18.81 4.76 -5.45
C VAL A 192 20.14 4.00 -5.44
N ASN A 193 20.60 3.60 -6.65
CA ASN A 193 21.87 2.88 -6.77
C ASN A 193 23.04 3.78 -6.27
N ARG A 194 23.00 5.12 -6.48
CA ARG A 194 24.09 5.96 -5.99
C ARG A 194 24.12 5.97 -4.47
N THR A 195 23.08 5.44 -3.78
CA THR A 195 23.13 5.34 -2.33
C THR A 195 23.39 3.92 -1.91
N ASN A 196 23.89 3.06 -2.80
CA ASN A 196 24.26 1.70 -2.53
C ASN A 196 23.05 0.81 -2.15
N VAL A 197 21.88 1.07 -2.79
CA VAL A 197 20.69 0.24 -2.67
C VAL A 197 20.39 -0.30 -4.07
N TRP A 198 20.10 -1.60 -4.13
CA TRP A 198 20.06 -2.34 -5.38
C TRP A 198 18.75 -3.07 -5.64
N GLN A 199 17.86 -3.11 -4.62
CA GLN A 199 16.52 -3.71 -4.84
C GLN A 199 15.45 -2.68 -4.47
N ALA A 200 14.25 -2.89 -5.08
CA ALA A 200 13.04 -2.11 -4.72
C ALA A 200 11.85 -3.05 -4.65
N VAL A 201 10.81 -2.60 -3.94
CA VAL A 201 9.53 -3.27 -3.92
C VAL A 201 8.50 -2.24 -4.40
N TYR A 202 7.49 -2.71 -5.16
CA TYR A 202 6.45 -1.81 -5.67
C TYR A 202 5.21 -2.65 -5.92
N THR A 203 4.09 -1.94 -6.03
CA THR A 203 2.82 -2.61 -6.38
C THR A 203 2.17 -1.89 -7.55
N ALA A 204 1.29 -2.62 -8.27
CA ALA A 204 0.40 -1.96 -9.25
C ALA A 204 -0.87 -2.80 -9.39
N GLY A 205 -1.92 -2.17 -9.95
CA GLY A 205 -3.13 -2.87 -10.35
C GLY A 205 -2.89 -3.62 -11.66
N VAL A 206 -2.11 -3.06 -12.56
CA VAL A 206 -1.85 -3.62 -13.87
C VAL A 206 -0.87 -4.78 -13.75
N LEU A 207 -0.96 -5.69 -14.70
CA LEU A 207 -0.07 -6.84 -14.78
C LEU A 207 1.15 -6.49 -15.63
N LEU A 208 2.32 -6.50 -15.01
CA LEU A 208 3.62 -6.23 -15.60
C LEU A 208 4.48 -7.47 -15.41
N PRO A 209 5.65 -7.55 -16.05
CA PRO A 209 6.58 -8.64 -15.71
C PRO A 209 7.31 -8.36 -14.40
N THR A 210 7.21 -9.24 -13.38
CA THR A 210 6.29 -10.35 -13.18
C THR A 210 6.01 -10.36 -11.68
N PRO A 211 4.76 -10.41 -11.19
CA PRO A 211 4.53 -10.30 -9.73
C PRO A 211 5.04 -11.53 -8.98
N TYR A 212 5.46 -11.37 -7.74
CA TYR A 212 5.74 -12.51 -6.87
C TYR A 212 4.49 -12.85 -6.06
N ALA A 213 3.48 -11.95 -5.99
CA ALA A 213 2.24 -12.25 -5.24
C ALA A 213 1.15 -11.35 -5.81
N SER A 214 -0.11 -11.78 -5.74
CA SER A 214 -1.27 -11.01 -6.23
CA SER A 214 -1.22 -10.90 -6.12
C SER A 214 -2.45 -11.26 -5.31
N GLY A 215 -3.18 -10.19 -4.92
CA GLY A 215 -4.38 -10.36 -4.08
C GLY A 215 -5.54 -9.55 -4.62
N GLN A 216 -6.77 -10.01 -4.40
CA GLN A 216 -7.95 -9.20 -4.72
C GLN A 216 -8.16 -8.13 -3.65
N TYR A 217 -8.71 -7.00 -4.12
CA TYR A 217 -9.30 -6.01 -3.22
C TYR A 217 -10.65 -6.48 -2.67
N PHE A 218 -10.92 -6.06 -1.43
CA PHE A 218 -12.17 -6.25 -0.71
C PHE A 218 -12.69 -4.91 -0.20
N HIS A 219 -14.01 -4.78 -0.15
CA HIS A 219 -14.68 -3.53 0.25
C HIS A 219 -15.79 -3.87 1.23
N ARG A 220 -15.91 -3.03 2.24
CA ARG A 220 -16.99 -3.13 3.23
C ARG A 220 -17.73 -1.81 3.21
N SER A 221 -19.01 -1.84 2.80
CA SER A 221 -19.84 -0.64 2.71
CA SER A 221 -19.84 -0.65 2.70
C SER A 221 -20.13 -0.06 4.08
N LEU A 222 -19.89 1.25 4.23
CA LEU A 222 -20.22 1.92 5.48
C LEU A 222 -21.40 2.88 5.25
N ASN A 223 -21.51 3.49 4.09
CA ASN A 223 -22.61 4.41 3.73
C ASN A 223 -23.19 3.92 2.41
N PRO A 224 -24.01 2.83 2.39
CA PRO A 224 -24.41 2.18 1.14
C PRO A 224 -25.27 3.10 0.25
N GLU A 225 -26.06 3.99 0.83
CA GLU A 225 -26.88 4.86 -0.01
C GLU A 225 -25.98 5.75 -0.88
N LYS A 226 -24.91 6.32 -0.28
CA LYS A 226 -23.99 7.13 -1.08
C LYS A 226 -23.23 6.26 -2.09
N LEU A 227 -22.73 5.08 -1.68
CA LEU A 227 -22.01 4.21 -2.59
C LEU A 227 -22.86 3.87 -3.83
N VAL A 228 -24.17 3.64 -3.62
CA VAL A 228 -25.05 3.33 -4.75
C VAL A 228 -25.27 4.59 -5.59
N GLU A 229 -25.51 5.72 -4.96
CA GLU A 229 -25.71 6.97 -5.70
C GLU A 229 -24.54 7.20 -6.67
N ILE A 230 -23.27 7.01 -6.21
CA ILE A 230 -22.09 7.32 -7.02
C ILE A 230 -21.62 6.16 -7.89
N ARG A 231 -22.37 5.09 -7.86
CA ARG A 231 -22.00 3.90 -8.65
CA ARG A 231 -22.01 3.89 -8.63
C ARG A 231 -20.67 3.13 -8.30
N PHE A 232 -20.31 3.34 -7.01
CA PHE A 232 -19.20 2.55 -6.51
C PHE A 232 -19.70 1.12 -6.42
N SER A 233 -20.96 1.05 -5.93
CA SER A 233 -21.76 -0.12 -5.60
C SER A 233 -22.99 -0.15 -6.50
N GLY A 234 -23.41 -1.38 -6.83
CA GLY A 234 -24.77 -1.70 -7.22
C GLY A 234 -25.50 -2.43 -6.10
N ILE A 235 -26.81 -2.59 -6.23
CA ILE A 235 -27.64 -3.37 -5.32
C ILE A 235 -27.74 -4.79 -5.87
N PRO A 236 -27.22 -5.88 -5.21
CA PRO A 236 -27.46 -7.25 -5.64
C PRO A 236 -28.93 -7.41 -6.05
N ALA A 237 -29.11 -8.19 -7.09
CA ALA A 237 -30.39 -8.44 -7.73
C ALA A 237 -31.40 -8.97 -6.72
N GLN A 238 -30.94 -9.70 -5.69
CA GLN A 238 -31.89 -10.33 -4.80
C GLN A 238 -32.66 -9.28 -3.99
N TYR A 239 -32.09 -8.06 -3.86
CA TYR A 239 -32.75 -7.03 -3.06
C TYR A 239 -34.01 -6.54 -3.79
N GLN A 240 -34.12 -6.81 -5.11
CA GLN A 240 -35.32 -6.41 -5.82
C GLN A 240 -36.55 -7.22 -5.43
N LYS A 241 -36.39 -8.28 -4.64
CA LYS A 241 -37.53 -9.03 -4.17
CA LYS A 241 -37.52 -9.05 -4.15
C LYS A 241 -38.11 -8.41 -2.89
N PHE A 242 -37.57 -7.25 -2.46
CA PHE A 242 -38.16 -6.52 -1.35
C PHE A 242 -38.96 -5.29 -1.82
N GLN A 243 -39.91 -4.88 -0.96
CA GLN A 243 -40.67 -3.65 -1.18
C GLN A 243 -39.76 -2.42 -1.24
N ASN A 244 -38.71 -2.41 -0.41
CA ASN A 244 -37.85 -1.24 -0.25
C ASN A 244 -36.40 -1.74 -0.29
N PRO A 245 -35.85 -1.92 -1.49
CA PRO A 245 -34.53 -2.50 -1.63
C PRO A 245 -33.49 -1.66 -0.89
N MET A 246 -33.55 -0.32 -1.00
CA MET A 246 -32.52 0.50 -0.37
CA MET A 246 -32.50 0.48 -0.36
C MET A 246 -32.63 0.43 1.16
N ALA A 247 -33.85 0.37 1.73
CA ALA A 247 -33.94 0.28 3.16
C ALA A 247 -33.30 -1.01 3.66
N MET A 248 -33.52 -2.10 2.93
CA MET A 248 -32.96 -3.38 3.34
CA MET A 248 -32.96 -3.40 3.31
C MET A 248 -31.44 -3.39 3.19
N LEU A 249 -30.90 -2.73 2.15
CA LEU A 249 -29.45 -2.60 1.96
C LEU A 249 -28.85 -1.81 3.13
N LYS A 250 -29.47 -0.68 3.50
CA LYS A 250 -28.95 0.11 4.61
C LYS A 250 -28.95 -0.68 5.90
N ARG A 251 -30.03 -1.43 6.17
CA ARG A 251 -30.13 -2.24 7.36
C ARG A 251 -29.02 -3.29 7.38
N ASN A 252 -28.76 -3.95 6.26
CA ASN A 252 -27.77 -5.02 6.10
CA ASN A 252 -27.82 -5.06 6.26
C ASN A 252 -26.41 -4.57 6.62
N TYR A 253 -26.06 -3.30 6.31
CA TYR A 253 -24.71 -2.78 6.59
CA TYR A 253 -24.71 -2.75 6.56
C TYR A 253 -24.62 -1.88 7.83
N GLN A 254 -25.70 -1.76 8.61
CA GLN A 254 -25.75 -0.99 9.85
CA GLN A 254 -25.66 -0.92 9.80
C GLN A 254 -24.68 -1.50 10.81
N LEU A 255 -24.09 -0.56 11.57
CA LEU A 255 -23.07 -0.87 12.58
C LEU A 255 -23.43 -0.19 13.90
N PRO A 256 -22.85 -0.70 15.00
CA PRO A 256 -22.92 0.03 16.27
C PRO A 256 -22.40 1.43 16.12
N SER A 257 -22.87 2.31 17.03
CA SER A 257 -22.48 3.71 17.07
C SER A 257 -21.30 4.00 17.99
N ALA A 258 -20.82 3.03 18.71
CA ALA A 258 -19.69 3.16 19.63
C ALA A 258 -18.98 1.81 19.64
N PRO A 259 -17.64 1.78 19.84
CA PRO A 259 -16.90 0.52 19.88
C PRO A 259 -17.35 -0.44 20.94
N LYS A 260 -17.16 -1.74 20.71
CA LYS A 260 -17.65 -2.76 21.63
C LYS A 260 -16.52 -3.21 22.54
N ASN A 261 -15.24 -3.07 22.18
CA ASN A 261 -14.21 -3.67 23.01
C ASN A 261 -13.96 -2.76 24.20
N SER A 262 -14.01 -3.41 25.38
CA SER A 262 -13.58 -2.74 26.60
CA SER A 262 -13.53 -2.84 26.64
C SER A 262 -12.14 -2.29 26.43
N GLY A 263 -11.93 -1.05 26.77
CA GLY A 263 -10.57 -0.56 26.92
C GLY A 263 -10.02 -0.10 25.57
N LEU A 264 -10.88 0.07 24.54
CA LEU A 264 -10.31 0.60 23.28
C LEU A 264 -10.06 2.09 23.49
N ARG A 265 -8.92 2.60 23.02
CA ARG A 265 -8.59 4.02 23.09
C ARG A 265 -7.56 4.35 21.98
N GLU A 266 -7.32 5.61 21.70
CA GLU A 266 -6.29 5.96 20.70
C GLU A 266 -4.89 5.63 21.22
N MET A 267 -4.03 5.23 20.31
CA MET A 267 -2.62 5.02 20.62
C MET A 267 -1.92 6.34 21.01
N LYS A 268 -1.03 6.21 22.01
CA LYS A 268 -0.22 7.37 22.39
CA LYS A 268 -0.21 7.29 22.57
C LYS A 268 1.27 6.98 22.39
N PRO A 269 2.19 7.99 22.49
CA PRO A 269 3.60 7.70 22.39
C PRO A 269 4.10 6.63 23.34
N SER A 270 3.57 6.54 24.56
CA SER A 270 4.03 5.56 25.52
C SER A 270 3.71 4.14 25.09
N ASP A 271 2.76 3.95 24.14
CA ASP A 271 2.43 2.61 23.64
C ASP A 271 3.43 2.11 22.58
N VAL A 272 4.38 2.93 22.11
CA VAL A 272 5.19 2.53 20.95
C VAL A 272 5.94 1.23 21.26
N PRO A 273 6.63 1.03 22.41
CA PRO A 273 7.38 -0.24 22.55
C PRO A 273 6.47 -1.46 22.57
N GLN A 274 5.32 -1.43 23.22
CA GLN A 274 4.46 -2.62 23.26
CA GLN A 274 4.36 -2.55 23.30
C GLN A 274 3.80 -2.85 21.90
N VAL A 275 3.37 -1.82 21.18
CA VAL A 275 2.82 -2.01 19.83
C VAL A 275 3.91 -2.55 18.91
N ARG A 276 5.16 -2.08 19.01
CA ARG A 276 6.23 -2.63 18.22
C ARG A 276 6.41 -4.12 18.52
N ARG A 277 6.42 -4.51 19.79
CA ARG A 277 6.63 -5.91 20.14
C ARG A 277 5.50 -6.79 19.57
N ILE A 278 4.24 -6.46 19.84
CA ILE A 278 3.19 -7.36 19.36
C ILE A 278 3.10 -7.35 17.83
N LEU A 279 3.33 -6.20 17.17
CA LEU A 279 3.36 -6.19 15.71
C LEU A 279 4.48 -7.04 15.18
N MET A 280 5.70 -6.87 15.67
CA MET A 280 6.81 -7.61 15.08
CA MET A 280 6.85 -7.60 15.15
C MET A 280 6.67 -9.11 15.34
N ASN A 281 6.11 -9.54 16.49
CA ASN A 281 5.92 -10.96 16.71
CA ASN A 281 5.94 -10.96 16.70
C ASN A 281 4.95 -11.53 15.68
N TYR A 282 3.87 -10.79 15.40
CA TYR A 282 2.88 -11.19 14.41
C TYR A 282 3.41 -11.15 12.98
N LEU A 283 4.09 -10.07 12.55
CA LEU A 283 4.58 -10.01 11.19
C LEU A 283 5.61 -11.09 10.87
N ASP A 284 6.34 -11.52 11.89
CA ASP A 284 7.40 -12.49 11.71
C ASP A 284 6.89 -13.76 11.04
N SER A 285 5.62 -14.12 11.23
CA SER A 285 5.07 -15.37 10.72
CA SER A 285 4.94 -15.30 10.74
C SER A 285 4.86 -15.37 9.21
N PHE A 286 4.96 -14.23 8.52
CA PHE A 286 4.70 -14.11 7.08
C PHE A 286 6.03 -14.16 6.34
N ASP A 287 6.06 -14.64 5.10
CA ASP A 287 7.28 -14.72 4.32
C ASP A 287 7.91 -13.38 3.94
N VAL A 288 7.09 -12.37 3.52
CA VAL A 288 7.63 -11.06 3.15
C VAL A 288 7.01 -10.07 4.14
N GLY A 289 7.83 -9.29 4.84
CA GLY A 289 7.20 -8.29 5.71
C GLY A 289 8.26 -7.31 6.22
N PRO A 290 7.83 -6.10 6.62
CA PRO A 290 8.74 -5.06 7.09
C PRO A 290 9.19 -5.30 8.52
N VAL A 291 10.32 -4.69 8.84
CA VAL A 291 10.88 -4.60 10.20
C VAL A 291 10.94 -3.14 10.55
N PHE A 292 10.28 -2.77 11.67
CA PHE A 292 10.19 -1.37 12.06
C PHE A 292 10.95 -1.10 13.35
N SER A 293 11.66 0.03 13.34
CA SER A 293 12.27 0.56 14.56
C SER A 293 11.21 1.26 15.39
N ASP A 294 11.56 1.67 16.63
CA ASP A 294 10.63 2.48 17.41
C ASP A 294 10.24 3.75 16.65
N ALA A 295 11.21 4.40 16.00
CA ALA A 295 10.96 5.64 15.26
C ALA A 295 9.95 5.40 14.14
N GLU A 296 10.08 4.26 13.48
CA GLU A 296 9.15 3.94 12.37
C GLU A 296 7.78 3.56 12.86
N ILE A 297 7.69 2.80 13.97
CA ILE A 297 6.39 2.57 14.60
C ILE A 297 5.73 3.92 14.93
N SER A 298 6.44 4.86 15.56
CA SER A 298 5.90 6.16 15.90
CA SER A 298 5.84 6.11 15.90
C SER A 298 5.37 6.85 14.63
N HIS A 299 6.22 6.91 13.60
CA HIS A 299 5.84 7.61 12.38
C HIS A 299 4.61 6.98 11.68
N TYR A 300 4.62 5.64 11.48
CA TYR A 300 3.55 5.03 10.70
C TYR A 300 2.28 4.77 11.49
N LEU A 301 2.33 4.71 12.83
CA LEU A 301 1.15 4.34 13.59
C LEU A 301 0.61 5.42 14.52
N LEU A 302 1.40 6.38 14.98
CA LEU A 302 0.75 7.33 15.88
C LEU A 302 -0.31 8.12 15.14
N PRO A 303 -1.48 8.37 15.78
CA PRO A 303 -2.54 9.10 15.08
C PRO A 303 -2.10 10.43 14.47
N ARG A 304 -2.57 10.68 13.27
CA ARG A 304 -2.34 11.95 12.55
C ARG A 304 -3.66 12.39 11.93
N ASP A 305 -4.11 13.61 12.25
CA ASP A 305 -5.41 14.05 11.79
C ASP A 305 -5.55 14.02 10.27
N GLY A 306 -6.65 13.41 9.81
CA GLY A 306 -6.96 13.29 8.41
C GLY A 306 -6.16 12.23 7.68
N VAL A 307 -5.24 11.53 8.38
CA VAL A 307 -4.27 10.68 7.68
C VAL A 307 -4.30 9.26 8.24
N VAL A 308 -3.91 9.06 9.49
CA VAL A 308 -3.82 7.69 10.04
C VAL A 308 -4.49 7.70 11.41
N PHE A 309 -5.19 6.60 11.72
CA PHE A 309 -6.05 6.46 12.88
C PHE A 309 -5.67 5.12 13.53
N THR A 310 -5.28 5.13 14.80
CA THR A 310 -4.74 3.91 15.42
C THR A 310 -5.27 3.82 16.85
N TYR A 311 -5.78 2.63 17.17
CA TYR A 311 -6.42 2.37 18.46
C TYR A 311 -5.79 1.13 19.07
N VAL A 312 -5.57 1.14 20.40
CA VAL A 312 -5.13 -0.02 21.15
C VAL A 312 -6.26 -0.52 22.07
N VAL A 313 -6.21 -1.83 22.35
CA VAL A 313 -7.03 -2.39 23.42
C VAL A 313 -6.12 -2.48 24.64
N GLU A 314 -6.51 -1.67 25.66
CA GLU A 314 -5.82 -1.71 26.93
C GLU A 314 -6.79 -2.01 28.06
N ASN A 315 -6.58 -3.19 28.65
CA ASN A 315 -7.35 -3.50 29.86
C ASN A 315 -6.34 -3.70 30.99
N ASP A 316 -6.62 -3.08 32.13
CA ASP A 316 -5.81 -3.42 33.30
C ASP A 316 -4.36 -3.11 32.96
N LYS A 317 -4.19 -1.98 32.27
CA LYS A 317 -2.92 -1.31 32.09
C LYS A 317 -1.99 -2.06 31.16
N LYS A 318 -2.51 -2.99 30.35
CA LYS A 318 -1.62 -3.62 29.39
C LYS A 318 -2.22 -3.53 27.96
N VAL A 319 -1.39 -3.13 27.01
CA VAL A 319 -1.84 -3.14 25.60
C VAL A 319 -1.69 -4.55 25.05
N THR A 320 -2.84 -5.12 24.62
CA THR A 320 -2.89 -6.52 24.18
C THR A 320 -3.21 -6.65 22.67
N ASP A 321 -3.76 -5.59 22.07
CA ASP A 321 -4.19 -5.66 20.68
C ASP A 321 -4.12 -4.25 20.14
N PHE A 322 -4.11 -4.10 18.79
CA PHE A 322 -4.24 -2.75 18.22
C PHE A 322 -4.72 -2.90 16.77
N PHE A 323 -5.31 -1.83 16.24
CA PHE A 323 -5.52 -1.76 14.79
C PHE A 323 -5.24 -0.33 14.32
N SER A 324 -4.99 -0.21 13.01
CA SER A 324 -4.80 1.10 12.39
C SER A 324 -5.50 1.09 11.02
N PHE A 325 -5.95 2.28 10.62
CA PHE A 325 -6.46 2.51 9.25
C PHE A 325 -5.97 3.87 8.76
N TYR A 326 -5.87 4.05 7.45
CA TYR A 326 -5.55 5.37 6.91
C TYR A 326 -6.61 5.82 5.88
N ARG A 327 -6.57 7.11 5.59
CA ARG A 327 -7.59 7.75 4.72
C ARG A 327 -7.04 8.10 3.34
N ILE A 328 -7.71 7.60 2.32
CA ILE A 328 -7.44 8.09 0.96
C ILE A 328 -8.76 8.50 0.32
N PRO A 329 -9.05 9.81 0.19
CA PRO A 329 -10.25 10.23 -0.56
C PRO A 329 -10.02 10.09 -2.06
N SER A 330 -11.15 9.96 -2.77
CA SER A 330 -11.13 10.03 -4.25
C SER A 330 -12.09 11.09 -4.74
N THR A 331 -11.73 11.80 -5.82
CA THR A 331 -12.65 12.69 -6.51
C THR A 331 -13.72 11.85 -7.21
N VAL A 332 -14.99 12.25 -7.01
CA VAL A 332 -16.12 11.66 -7.73
C VAL A 332 -16.35 12.50 -8.97
N ILE A 333 -15.95 11.99 -10.12
CA ILE A 333 -15.80 12.77 -11.36
C ILE A 333 -17.11 13.21 -11.98
N GLY A 334 -18.14 12.35 -11.96
CA GLY A 334 -19.32 12.57 -12.80
C GLY A 334 -20.57 13.04 -12.06
N ASN A 335 -20.74 12.63 -10.78
CA ASN A 335 -21.93 12.88 -9.97
C ASN A 335 -22.17 14.37 -9.75
N SER A 336 -23.42 14.73 -9.47
CA SER A 336 -23.80 16.10 -9.15
C SER A 336 -24.10 16.22 -7.66
N ASN A 337 -24.30 15.09 -6.98
CA ASN A 337 -24.67 15.16 -5.57
C ASN A 337 -23.43 15.13 -4.67
N TYR A 338 -22.31 14.52 -5.12
CA TYR A 338 -21.16 14.33 -4.24
C TYR A 338 -19.87 14.67 -4.97
N ASN A 339 -18.91 15.22 -4.22
CA ASN A 339 -17.63 15.59 -4.82
C ASN A 339 -16.55 14.54 -4.51
N LEU A 340 -16.72 13.87 -3.36
CA LEU A 340 -15.63 13.07 -2.78
C LEU A 340 -16.19 11.74 -2.30
N LEU A 341 -15.35 10.69 -2.40
CA LEU A 341 -15.54 9.36 -1.81
C LEU A 341 -14.50 9.25 -0.69
N ASN A 342 -14.90 9.02 0.57
CA ASN A 342 -14.00 9.03 1.72
CA ASN A 342 -13.95 9.03 1.68
C ASN A 342 -13.72 7.58 2.11
N ALA A 343 -12.55 7.02 1.72
CA ALA A 343 -12.25 5.61 1.97
C ALA A 343 -11.23 5.44 3.10
N ALA A 344 -11.54 4.47 3.96
CA ALA A 344 -10.65 4.02 5.04
C ALA A 344 -9.99 2.71 4.63
N TYR A 345 -8.70 2.57 4.77
CA TYR A 345 -7.97 1.38 4.33
C TYR A 345 -7.38 0.71 5.56
N VAL A 346 -7.56 -0.62 5.69
CA VAL A 346 -6.99 -1.39 6.78
C VAL A 346 -5.47 -1.35 6.67
N HIS A 347 -4.82 -0.92 7.77
CA HIS A 347 -3.34 -0.81 7.85
C HIS A 347 -2.78 -2.00 8.61
N TYR A 348 -1.82 -1.78 9.49
CA TYR A 348 -1.33 -2.85 10.37
C TYR A 348 -2.25 -3.05 11.56
N TYR A 349 -2.18 -4.24 12.15
CA TYR A 349 -2.94 -4.63 13.33
C TYR A 349 -2.22 -5.81 14.01
N ALA A 350 -2.61 -6.12 15.25
CA ALA A 350 -2.18 -7.38 15.91
C ALA A 350 -3.18 -7.69 17.02
N ALA A 351 -3.57 -8.97 17.10
CA ALA A 351 -4.52 -9.39 18.12
C ALA A 351 -3.90 -10.49 18.96
N THR A 352 -3.85 -10.30 20.28
CA THR A 352 -3.41 -11.35 21.20
C THR A 352 -4.50 -11.77 22.19
N SER A 353 -5.55 -10.98 22.42
CA SER A 353 -6.53 -11.23 23.49
C SER A 353 -7.92 -11.56 22.96
N ILE A 354 -8.21 -11.18 21.69
CA ILE A 354 -9.53 -11.35 21.12
C ILE A 354 -9.37 -11.82 19.70
N PRO A 355 -10.41 -12.45 19.13
CA PRO A 355 -10.33 -12.84 17.74
C PRO A 355 -10.24 -11.62 16.82
N LEU A 356 -9.61 -11.79 15.66
CA LEU A 356 -9.42 -10.68 14.76
CA LEU A 356 -9.42 -10.70 14.71
C LEU A 356 -10.75 -10.06 14.28
N HIS A 357 -11.77 -10.91 14.07
CA HIS A 357 -13.04 -10.29 13.68
C HIS A 357 -13.56 -9.28 14.71
N GLN A 358 -13.36 -9.58 16.01
CA GLN A 358 -13.83 -8.72 17.05
C GLN A 358 -13.02 -7.42 17.09
N LEU A 359 -11.71 -7.53 16.79
CA LEU A 359 -10.87 -6.30 16.76
C LEU A 359 -11.28 -5.41 15.57
N ILE A 360 -11.45 -6.04 14.39
CA ILE A 360 -11.70 -5.27 13.17
C ILE A 360 -13.15 -4.74 13.10
N LEU A 361 -14.09 -5.40 13.83
CA LEU A 361 -15.40 -4.76 13.92
C LEU A 361 -15.31 -3.34 14.50
N ASP A 362 -14.43 -3.17 15.51
CA ASP A 362 -14.26 -1.83 16.08
C ASP A 362 -13.61 -0.86 15.10
N LEU A 363 -12.74 -1.36 14.23
CA LEU A 363 -12.25 -0.52 13.11
C LEU A 363 -13.40 0.02 12.24
N LEU A 364 -14.30 -0.91 11.81
CA LEU A 364 -15.43 -0.46 11.01
C LEU A 364 -16.31 0.55 11.79
N ILE A 365 -16.56 0.27 13.08
CA ILE A 365 -17.39 1.19 13.87
C ILE A 365 -16.77 2.58 13.93
N VAL A 366 -15.44 2.64 14.22
CA VAL A 366 -14.79 3.94 14.34
C VAL A 366 -14.78 4.63 12.97
N ALA A 367 -14.46 3.89 11.90
CA ALA A 367 -14.42 4.55 10.59
C ALA A 367 -15.81 5.09 10.19
N HIS A 368 -16.85 4.29 10.45
CA HIS A 368 -18.21 4.77 10.17
C HIS A 368 -18.54 6.03 11.01
N SER A 369 -18.21 5.99 12.32
CA SER A 369 -18.49 7.13 13.19
CA SER A 369 -18.55 7.13 13.15
CA SER A 369 -18.51 7.13 13.19
C SER A 369 -17.82 8.40 12.68
N ARG A 370 -16.63 8.25 12.08
CA ARG A 370 -15.84 9.38 11.58
C ARG A 370 -16.23 9.80 10.18
N GLY A 371 -17.29 9.24 9.58
CA GLY A 371 -17.74 9.74 8.29
C GLY A 371 -17.03 9.14 7.07
N PHE A 372 -16.43 7.96 7.23
CA PHE A 372 -15.95 7.23 6.05
C PHE A 372 -17.09 6.46 5.37
N ASP A 373 -16.96 6.33 4.05
CA ASP A 373 -18.03 5.78 3.24
C ASP A 373 -17.84 4.29 2.99
N VAL A 374 -16.58 3.81 3.03
CA VAL A 374 -16.24 2.43 2.67
C VAL A 374 -14.93 2.10 3.40
N CYS A 375 -14.74 0.81 3.70
CA CYS A 375 -13.44 0.33 4.19
C CYS A 375 -12.86 -0.63 3.13
N ASN A 376 -11.61 -0.40 2.72
CA ASN A 376 -10.93 -1.19 1.67
C ASN A 376 -9.74 -1.94 2.25
N MET A 377 -9.41 -3.04 1.62
CA MET A 377 -8.19 -3.78 1.99
C MET A 377 -7.86 -4.75 0.87
N VAL A 378 -6.59 -5.24 0.83
CA VAL A 378 -6.18 -6.35 -0.02
C VAL A 378 -6.18 -7.59 0.88
N GLU A 379 -6.33 -8.81 0.31
CA GLU A 379 -6.31 -10.07 1.06
C GLU A 379 -4.90 -10.47 1.50
N ILE A 380 -4.10 -9.53 1.97
CA ILE A 380 -2.81 -9.81 2.58
C ILE A 380 -2.98 -10.06 4.07
N LEU A 381 -1.89 -10.31 4.81
CA LEU A 381 -1.96 -10.54 6.25
C LEU A 381 -2.98 -11.67 6.59
N ASP A 382 -3.81 -11.55 7.63
CA ASP A 382 -4.91 -12.49 7.89
C ASP A 382 -6.23 -11.80 7.55
N ASN A 383 -6.22 -10.93 6.53
CA ASN A 383 -7.44 -10.22 6.17
C ASN A 383 -8.58 -11.16 5.73
N ARG A 384 -8.25 -12.34 5.16
CA ARG A 384 -9.30 -13.28 4.76
C ARG A 384 -10.10 -13.80 5.96
N SER A 385 -9.53 -13.75 7.17
CA SER A 385 -10.16 -14.40 8.30
CA SER A 385 -10.14 -14.37 8.34
C SER A 385 -11.40 -13.67 8.81
N PHE A 386 -11.65 -12.43 8.40
CA PHE A 386 -12.85 -11.76 8.88
C PHE A 386 -13.76 -11.28 7.74
N VAL A 387 -13.45 -11.64 6.48
CA VAL A 387 -14.22 -11.14 5.35
C VAL A 387 -15.72 -11.42 5.50
N GLU A 388 -16.09 -12.70 5.75
CA GLU A 388 -17.52 -13.05 5.62
C GLU A 388 -18.30 -12.49 6.81
N GLN A 389 -17.77 -12.68 8.03
CA GLN A 389 -18.55 -12.22 9.17
C GLN A 389 -18.75 -10.71 9.14
N LEU A 390 -17.72 -9.97 8.73
CA LEU A 390 -17.80 -8.50 8.71
C LEU A 390 -18.37 -7.93 7.41
N LYS A 391 -18.83 -8.78 6.48
CA LYS A 391 -19.62 -8.39 5.30
C LYS A 391 -18.78 -7.61 4.28
N PHE A 392 -17.46 -7.95 4.18
CA PHE A 392 -16.68 -7.46 3.06
C PHE A 392 -17.06 -8.29 1.83
N GLY A 393 -16.90 -7.70 0.66
CA GLY A 393 -17.09 -8.41 -0.59
C GLY A 393 -15.87 -8.14 -1.48
N ALA A 394 -15.49 -9.09 -2.32
CA ALA A 394 -14.44 -8.89 -3.27
C ALA A 394 -14.84 -7.88 -4.34
N GLY A 395 -13.90 -6.99 -4.72
CA GLY A 395 -14.13 -6.05 -5.81
C GLY A 395 -13.56 -6.57 -7.14
N ASP A 396 -13.55 -5.74 -8.17
CA ASP A 396 -12.99 -6.09 -9.50
C ASP A 396 -11.47 -5.91 -9.58
N GLY A 397 -10.90 -5.30 -8.56
CA GLY A 397 -9.49 -4.89 -8.58
C GLY A 397 -8.57 -5.92 -7.94
N HIS A 398 -7.29 -5.78 -8.28
CA HIS A 398 -6.25 -6.57 -7.63
C HIS A 398 -5.09 -5.65 -7.29
N LEU A 399 -4.29 -6.06 -6.32
CA LEU A 399 -2.97 -5.46 -6.11
C LEU A 399 -1.91 -6.52 -6.32
N ARG A 400 -1.00 -6.26 -7.27
CA ARG A 400 0.10 -7.16 -7.59
C ARG A 400 1.39 -6.60 -7.00
N TYR A 401 2.16 -7.47 -6.32
CA TYR A 401 3.41 -7.14 -5.62
C TYR A 401 4.60 -7.56 -6.47
N TYR A 402 5.58 -6.65 -6.64
CA TYR A 402 6.75 -6.83 -7.49
C TYR A 402 8.02 -6.48 -6.72
N PHE A 403 9.12 -7.14 -7.11
CA PHE A 403 10.46 -6.70 -6.74
C PHE A 403 11.23 -6.26 -7.98
N TYR A 404 12.14 -5.28 -7.82
CA TYR A 404 13.15 -4.88 -8.81
C TYR A 404 14.47 -5.52 -8.40
N ASN A 405 15.08 -6.30 -9.31
CA ASN A 405 16.41 -6.91 -9.10
C ASN A 405 16.39 -7.89 -7.93
N TRP A 406 15.34 -8.71 -7.85
CA TRP A 406 15.25 -9.74 -6.81
C TRP A 406 14.47 -10.94 -7.34
N ALA A 407 15.14 -12.09 -7.44
CA ALA A 407 14.46 -13.34 -7.81
C ALA A 407 13.71 -13.85 -6.58
N TYR A 408 12.44 -14.26 -6.72
CA TYR A 408 11.68 -14.64 -5.55
C TYR A 408 10.63 -15.66 -6.01
N PRO A 409 10.41 -16.75 -5.26
CA PRO A 409 9.37 -17.71 -5.63
C PRO A 409 8.00 -17.06 -5.50
N LYS A 410 7.03 -17.55 -6.25
CA LYS A 410 5.64 -17.11 -6.05
C LYS A 410 5.15 -17.47 -4.67
N ILE A 411 4.49 -16.53 -4.00
CA ILE A 411 3.88 -16.79 -2.71
C ILE A 411 2.39 -16.39 -2.72
N LYS A 412 1.62 -16.99 -1.80
CA LYS A 412 0.20 -16.61 -1.66
C LYS A 412 0.13 -15.19 -1.05
N PRO A 413 -0.95 -14.42 -1.31
CA PRO A 413 -1.02 -13.06 -0.71
C PRO A 413 -1.15 -13.12 0.81
N SER A 414 -1.65 -14.23 1.39
CA SER A 414 -1.68 -14.39 2.84
C SER A 414 -0.30 -14.67 3.45
N GLN A 415 0.74 -14.70 2.61
CA GLN A 415 2.14 -14.74 3.10
C GLN A 415 2.87 -13.40 2.94
N VAL A 416 2.07 -12.34 2.57
CA VAL A 416 2.61 -10.98 2.46
C VAL A 416 2.11 -10.16 3.64
N ALA A 417 3.04 -9.43 4.28
CA ALA A 417 2.72 -8.60 5.45
C ALA A 417 3.08 -7.14 5.20
N LEU A 418 3.39 -6.75 3.98
CA LEU A 418 3.74 -5.35 3.69
C LEU A 418 2.53 -4.59 3.11
N VAL A 419 2.03 -3.60 3.91
CA VAL A 419 0.93 -2.75 3.42
C VAL A 419 1.54 -1.69 2.51
N MET A 420 0.93 -1.49 1.32
CA MET A 420 1.42 -0.49 0.40
CA MET A 420 1.41 -0.51 0.36
C MET A 420 0.39 0.63 0.23
N LEU A 421 0.85 1.87 0.48
CA LEU A 421 -0.05 3.02 0.55
C LEU A 421 -0.55 3.47 -0.83
S1 MYA B . 1.58 2.06 -9.53
C2 MYA B . 0.62 3.59 -9.94
C3 MYA B . 0.98 4.04 -11.38
N4 MYA B . 0.36 5.33 -11.69
C5 MYA B . -0.76 5.46 -12.38
O5 MYA B . -1.40 4.47 -12.72
C6 MYA B . -1.23 6.87 -12.57
C7 MYA B . -1.97 7.09 -13.94
N8 MYA B . -1.10 6.73 -15.08
C9 MYA B . 0.01 7.33 -15.41
O9 MYA B . 0.40 8.31 -14.78
C10 MYA B . 0.76 6.78 -16.58
O10 MYA B . -0.13 5.98 -17.37
C11 MYA B . 2.02 5.93 -16.15
C12 MYA B . 2.70 5.31 -17.33
C13 MYA B . 1.64 4.77 -15.19
C14 MYA B . 3.06 6.83 -15.45
N1A MYA B . 4.36 0.62 -13.27
O1A MYA B . 5.50 6.72 -20.47
P1A MYA B . 4.91 5.58 -21.14
C1X MYA B . 5.04 0.76 -18.37
C2A MYA B . 5.46 0.33 -14.02
O2A MYA B . 4.83 5.67 -22.65
P2A MYA B . 2.41 6.29 -19.83
C2M MYA B . 3.08 2.77 -8.95
O2M MYA B . 3.16 3.99 -8.66
C2X MYA B . 4.41 0.08 -19.59
O2X MYA B . 4.26 -1.30 -19.35
N3A MYA B . 5.50 0.39 -15.36
O3A MYA B . 3.40 5.28 -20.59
C3M MYA B . 4.28 1.87 -8.78
C3X MYA B . 5.45 0.50 -20.65
O3X MYA B . 6.60 -0.35 -20.55
P3X MYA B . 6.73 -1.57 -21.64
C4A MYA B . 4.35 0.81 -15.96
O4A MYA B . 1.08 5.62 -19.82
C4M MYA B . 5.28 2.25 -9.92
C4X MYA B . 5.87 1.91 -20.27
O4X MYA B . 5.43 2.02 -18.86
C5A MYA B . 3.20 1.10 -15.26
O5A MYA B . 2.47 7.63 -20.32
C5M MYA B . 6.45 1.29 -10.05
C5X MYA B . 5.09 2.99 -21.03
O5X MYA B . 5.62 4.25 -20.66
C6A MYA B . 3.23 0.98 -13.87
N6A MYA B . 2.14 1.22 -13.05
O6A MYA B . 2.99 6.38 -18.30
C6M MYA B . 7.45 1.73 -11.14
N7A MYA B . 2.21 1.51 -16.15
O7A MYA B . 5.49 -2.43 -21.45
C7M MYA B . 8.66 0.78 -11.29
C8A MYA B . 2.79 1.40 -17.36
O8A MYA B . 6.74 -0.86 -22.95
C8M MYA B . 9.68 0.93 -10.18
N9A MYA B . 4.09 1.00 -17.26
O9A MYA B . 7.95 -2.28 -21.30
C9M MYA B . 10.89 0.04 -10.42
CAM MYA B . 12.00 0.16 -9.35
CBM MYA B . 12.80 1.48 -9.50
CCM MYA B . 13.89 1.66 -8.41
CDM MYA B . 14.94 0.56 -8.36
CEM MYA B . 15.97 0.84 -7.23
CFM MYA B . 16.97 -0.33 -7.11
C1 HWQ C . -5.11 -0.79 -7.76
C2 HWQ C . -4.86 0.52 -8.60
C3 HWQ C . -3.47 0.84 -8.79
C4 HWQ C . -6.83 -0.07 -6.18
C5 HWQ C . -6.04 1.24 -4.44
C6 HWQ C . -8.30 0.74 -4.46
C7 HWQ C . -9.65 0.82 -4.00
N1 HWQ C . -2.31 1.01 -8.93
N2 HWQ C . -5.78 0.57 -5.59
N3 HWQ C . -7.23 1.39 -3.84
C9 HWQ C . -8.07 0.04 -5.61
C8 HWQ C . -10.40 0.05 -5.00
N HWQ C . -6.45 -0.76 -7.30
C HWQ C . -7.50 -1.58 -8.00
S HWQ C . -9.58 -0.60 -6.20
N4 HWQ C . -4.91 1.85 -3.92
C10 HWQ C . -5.06 2.82 -2.84
C11 HWQ C . -3.53 1.55 -4.45
C15 HWQ C . -3.04 2.73 -5.32
C14 HWQ C . -1.59 2.43 -5.80
N5 HWQ C . -0.70 2.13 -4.65
C13 HWQ C . -1.16 1.02 -3.80
C12 HWQ C . -2.59 1.28 -3.27
C1 HWQ D . -11.43 5.05 -5.89
C2 HWQ D . -10.78 4.12 -4.85
C3 HWQ D . -11.62 3.96 -3.68
C4 HWQ D . -10.82 3.57 -7.84
C5 HWQ D . -12.31 1.73 -7.98
C6 HWQ D . -10.39 1.73 -9.36
C7 HWQ D . -9.46 1.21 -10.35
N1 HWQ D . -12.25 3.84 -2.68
N2 HWQ D . -11.91 2.93 -7.42
N3 HWQ D . -11.57 1.14 -8.94
C9 HWQ D . -10.02 3.00 -8.84
C8 HWQ D . -8.36 2.09 -10.56
N HWQ D . -10.62 4.73 -7.12
C HWQ D . -9.61 5.69 -7.62
S HWQ D . -8.52 3.46 -9.48
N4 HWQ D . -13.51 1.21 -7.45
C10 HWQ D . -14.26 1.97 -6.46
C11 HWQ D . -14.09 -0.02 -7.96
C15 HWQ D . -14.52 -0.84 -6.72
C14 HWQ D . -15.09 -2.18 -7.21
N5 HWQ D . -16.11 -1.83 -8.20
C13 HWQ D . -15.84 -0.98 -9.35
C12 HWQ D . -15.28 0.36 -8.86
MG MG E . 4.84 9.24 -21.56
#